data_5NAO
#
_entry.id   5NAO
#
_cell.length_a   1.000
_cell.length_b   1.000
_cell.length_c   1.000
_cell.angle_alpha   90.00
_cell.angle_beta   90.00
_cell.angle_gamma   90.00
#
_symmetry.space_group_name_H-M   'P 1'
#
_entity_poly.entity_id   1
_entity_poly.type   'polypeptide(L)'
_entity_poly.pdbx_seq_one_letter_code
;MNITSQMNKTIIGVSVLSVLVVSVVAVLVYKFYFH
;
_entity_poly.pdbx_strand_id   A
#
# COMPACT_ATOMS: atom_id res chain seq x y z
N MET A 1 19.22 -8.19 11.71
CA MET A 1 18.44 -8.72 10.59
C MET A 1 17.18 -9.42 11.08
N ASN A 2 16.03 -8.91 10.64
CA ASN A 2 14.74 -9.49 11.04
C ASN A 2 14.63 -10.94 10.59
N ILE A 3 14.40 -11.84 11.55
CA ILE A 3 14.27 -13.25 11.24
C ILE A 3 12.80 -13.66 11.16
N THR A 4 11.97 -12.75 10.68
CA THR A 4 10.54 -13.01 10.54
C THR A 4 10.01 -13.84 11.71
N SER A 5 10.46 -13.50 12.92
CA SER A 5 10.05 -14.21 14.12
C SER A 5 8.61 -13.86 14.48
N GLN A 6 8.37 -12.58 14.78
CA GLN A 6 7.04 -12.12 15.14
C GLN A 6 6.76 -10.74 14.55
N MET A 7 5.48 -10.43 14.36
CA MET A 7 5.08 -9.15 13.80
C MET A 7 3.71 -8.74 14.32
N ASN A 8 3.50 -7.43 14.47
CA ASN A 8 2.23 -6.90 14.95
C ASN A 8 1.18 -6.93 13.85
N LYS A 9 -0.01 -7.42 14.18
CA LYS A 9 -1.11 -7.49 13.22
C LYS A 9 -1.50 -6.10 12.74
N THR A 10 -1.44 -5.13 13.64
CA THR A 10 -1.79 -3.75 13.30
C THR A 10 -0.92 -3.22 12.16
N ILE A 11 0.36 -3.59 12.18
CA ILE A 11 1.29 -3.15 11.15
C ILE A 11 0.81 -3.59 9.76
N ILE A 12 0.50 -4.88 9.63
CA ILE A 12 0.04 -5.42 8.36
C ILE A 12 -1.14 -4.62 7.82
N GLY A 13 -2.11 -4.35 8.69
CA GLY A 13 -3.29 -3.59 8.28
C GLY A 13 -2.92 -2.30 7.58
N VAL A 14 -2.27 -1.40 8.30
CA VAL A 14 -1.87 -0.11 7.74
C VAL A 14 -1.11 -0.30 6.43
N SER A 15 -0.20 -1.27 6.41
CA SER A 15 0.58 -1.55 5.21
C SER A 15 -0.32 -1.71 3.99
N VAL A 16 -1.36 -2.52 4.12
CA VAL A 16 -2.29 -2.75 3.03
C VAL A 16 -3.01 -1.47 2.63
N LEU A 17 -3.43 -0.71 3.64
CA LEU A 17 -4.14 0.55 3.41
C LEU A 17 -3.30 1.49 2.53
N SER A 18 -1.99 1.52 2.80
CA SER A 18 -1.08 2.38 2.04
C SER A 18 -0.87 1.82 0.64
N VAL A 19 -0.93 0.50 0.51
CA VAL A 19 -0.73 -0.16 -0.77
C VAL A 19 -1.83 0.22 -1.76
N LEU A 20 -3.08 -0.01 -1.36
CA LEU A 20 -4.22 0.31 -2.20
C LEU A 20 -4.28 1.81 -2.49
N VAL A 21 -4.18 2.61 -1.44
CA VAL A 21 -4.22 4.07 -1.59
C VAL A 21 -3.26 4.54 -2.68
N VAL A 22 -1.98 4.27 -2.48
CA VAL A 22 -0.96 4.67 -3.45
C VAL A 22 -1.33 4.21 -4.86
N SER A 23 -1.64 2.92 -4.99
CA SER A 23 -2.01 2.35 -6.28
C SER A 23 -3.15 3.15 -6.92
N VAL A 24 -4.21 3.38 -6.15
CA VAL A 24 -5.36 4.13 -6.64
C VAL A 24 -4.92 5.47 -7.24
N VAL A 25 -4.17 6.24 -6.46
CA VAL A 25 -3.69 7.54 -6.92
C VAL A 25 -3.01 7.44 -8.28
N ALA A 26 -2.03 6.54 -8.37
CA ALA A 26 -1.30 6.33 -9.61
C ALA A 26 -2.25 6.11 -10.78
N VAL A 27 -3.32 5.37 -10.53
CA VAL A 27 -4.31 5.08 -11.56
C VAL A 27 -5.15 6.32 -11.88
N LEU A 28 -5.62 6.99 -10.84
CA LEU A 28 -6.44 8.19 -11.01
C LEU A 28 -5.77 9.17 -11.97
N VAL A 29 -4.50 9.46 -11.74
CA VAL A 29 -3.75 10.37 -12.59
C VAL A 29 -3.55 9.78 -13.99
N TYR A 30 -3.19 8.50 -14.03
CA TYR A 30 -2.97 7.82 -15.30
C TYR A 30 -4.12 8.08 -16.27
N LYS A 31 -5.34 8.05 -15.75
CA LYS A 31 -6.53 8.29 -16.57
C LYS A 31 -6.85 9.77 -16.65
N PHE A 32 -6.93 10.43 -15.49
CA PHE A 32 -7.23 11.86 -15.44
C PHE A 32 -6.31 12.63 -16.37
N TYR A 33 -5.15 12.07 -16.66
CA TYR A 33 -4.18 12.71 -17.55
C TYR A 33 -4.06 11.96 -18.87
N PHE A 34 -3.86 10.65 -18.79
CA PHE A 34 -3.74 9.81 -19.98
C PHE A 34 -4.91 8.85 -20.10
N HIS A 35 -6.13 9.38 -19.97
CA HIS A 35 -7.33 8.57 -20.07
C HIS A 35 -7.28 7.65 -21.29
N MET A 1 16.06 -11.59 10.13
CA MET A 1 16.29 -10.99 11.43
C MET A 1 15.34 -11.57 12.48
N ASN A 2 14.07 -11.73 12.09
CA ASN A 2 13.07 -12.28 13.00
C ASN A 2 13.05 -13.81 12.93
N ILE A 3 14.19 -14.42 13.25
CA ILE A 3 14.30 -15.87 13.23
C ILE A 3 13.16 -16.53 14.01
N THR A 4 13.03 -16.16 15.29
CA THR A 4 11.99 -16.71 16.13
C THR A 4 11.03 -15.61 16.61
N SER A 5 11.51 -14.37 16.60
CA SER A 5 10.69 -13.23 17.02
C SER A 5 9.64 -12.90 15.97
N GLN A 6 8.82 -11.89 16.26
CA GLN A 6 7.78 -11.46 15.34
C GLN A 6 7.50 -9.97 15.48
N MET A 7 6.64 -9.45 14.61
CA MET A 7 6.30 -8.03 14.64
C MET A 7 4.80 -7.83 14.46
N ASN A 8 4.31 -6.66 14.83
CA ASN A 8 2.89 -6.35 14.72
C ASN A 8 2.45 -6.40 13.26
N LYS A 9 1.56 -7.34 12.96
CA LYS A 9 1.05 -7.51 11.61
C LYS A 9 0.08 -6.38 11.25
N THR A 10 -0.54 -5.79 12.26
CA THR A 10 -1.48 -4.70 12.05
C THR A 10 -0.84 -3.57 11.26
N ILE A 11 0.36 -3.17 11.68
CA ILE A 11 1.08 -2.10 11.01
C ILE A 11 1.33 -2.43 9.54
N ILE A 12 1.77 -3.65 9.28
CA ILE A 12 2.04 -4.09 7.92
C ILE A 12 0.78 -4.05 7.06
N GLY A 13 -0.32 -4.57 7.61
CA GLY A 13 -1.57 -4.57 6.88
C GLY A 13 -1.94 -3.20 6.35
N VAL A 14 -2.18 -2.27 7.26
CA VAL A 14 -2.54 -0.90 6.88
C VAL A 14 -1.57 -0.34 5.85
N SER A 15 -0.28 -0.57 6.09
CA SER A 15 0.76 -0.08 5.19
C SER A 15 0.45 -0.47 3.75
N VAL A 16 0.12 -1.74 3.55
CA VAL A 16 -0.19 -2.25 2.23
C VAL A 16 -1.43 -1.58 1.65
N LEU A 17 -2.46 -1.44 2.49
CA LEU A 17 -3.72 -0.82 2.07
C LEU A 17 -3.47 0.61 1.59
N SER A 18 -2.54 1.30 2.24
CA SER A 18 -2.23 2.67 1.87
C SER A 18 -1.42 2.72 0.58
N VAL A 19 -0.60 1.68 0.36
CA VAL A 19 0.22 1.60 -0.83
C VAL A 19 -0.64 1.46 -2.09
N LEU A 20 -1.52 0.47 -2.08
CA LEU A 20 -2.40 0.22 -3.22
C LEU A 20 -3.32 1.41 -3.46
N VAL A 21 -3.97 1.88 -2.40
CA VAL A 21 -4.87 3.02 -2.49
C VAL A 21 -4.22 4.19 -3.21
N VAL A 22 -3.12 4.68 -2.66
CA VAL A 22 -2.39 5.79 -3.25
C VAL A 22 -2.10 5.52 -4.73
N SER A 23 -1.50 4.38 -5.00
CA SER A 23 -1.15 4.00 -6.38
C SER A 23 -2.37 4.10 -7.29
N VAL A 24 -3.47 3.48 -6.88
CA VAL A 24 -4.70 3.49 -7.65
C VAL A 24 -5.09 4.92 -8.03
N VAL A 25 -5.17 5.78 -7.03
CA VAL A 25 -5.54 7.18 -7.24
C VAL A 25 -4.68 7.80 -8.34
N ALA A 26 -3.36 7.70 -8.18
CA ALA A 26 -2.43 8.26 -9.16
C ALA A 26 -2.77 7.79 -10.57
N VAL A 27 -3.16 6.52 -10.69
CA VAL A 27 -3.51 5.94 -11.97
C VAL A 27 -4.85 6.49 -12.47
N LEU A 28 -5.84 6.50 -11.58
CA LEU A 28 -7.18 6.99 -11.93
C LEU A 28 -7.08 8.36 -12.61
N VAL A 29 -6.36 9.28 -11.98
CA VAL A 29 -6.20 10.62 -12.52
C VAL A 29 -5.41 10.60 -13.82
N TYR A 30 -4.33 9.82 -13.83
CA TYR A 30 -3.48 9.71 -15.01
C TYR A 30 -4.31 9.45 -16.26
N LYS A 31 -5.31 8.59 -16.13
CA LYS A 31 -6.20 8.25 -17.25
C LYS A 31 -7.34 9.25 -17.35
N PHE A 32 -8.05 9.45 -16.25
CA PHE A 32 -9.17 10.38 -16.21
C PHE A 32 -8.78 11.72 -16.80
N TYR A 33 -7.49 12.03 -16.76
CA TYR A 33 -6.99 13.29 -17.28
C TYR A 33 -6.17 13.08 -18.54
N PHE A 34 -5.16 12.21 -18.44
CA PHE A 34 -4.30 11.90 -19.57
C PHE A 34 -4.57 10.51 -20.10
N HIS A 35 -5.85 10.19 -20.30
CA HIS A 35 -6.25 8.89 -20.81
C HIS A 35 -5.45 8.52 -22.05
N MET A 1 9.22 -5.97 5.32
CA MET A 1 9.82 -5.19 6.40
C MET A 1 10.10 -6.09 7.61
N ASN A 2 9.21 -7.06 7.83
CA ASN A 2 9.36 -7.98 8.96
C ASN A 2 9.75 -9.37 8.48
N ILE A 3 10.86 -9.43 7.72
CA ILE A 3 11.34 -10.71 7.19
C ILE A 3 11.45 -11.74 8.30
N THR A 4 12.22 -11.43 9.33
CA THR A 4 12.41 -12.33 10.46
C THR A 4 11.86 -11.73 11.75
N SER A 5 11.77 -10.41 11.78
CA SER A 5 11.28 -9.71 12.96
C SER A 5 9.93 -10.28 13.41
N GLN A 6 9.49 -9.87 14.59
CA GLN A 6 8.22 -10.34 15.13
C GLN A 6 7.04 -9.80 14.32
N MET A 7 6.02 -10.63 14.13
CA MET A 7 4.85 -10.23 13.37
C MET A 7 3.72 -9.80 14.30
N ASN A 8 2.93 -8.82 13.86
CA ASN A 8 1.82 -8.32 14.65
C ASN A 8 0.67 -7.88 13.76
N LYS A 9 -0.56 -8.10 14.22
CA LYS A 9 -1.75 -7.72 13.47
C LYS A 9 -1.70 -6.24 13.09
N THR A 10 -1.27 -5.40 14.03
CA THR A 10 -1.18 -3.97 13.80
C THR A 10 -0.30 -3.66 12.59
N ILE A 11 0.91 -4.21 12.58
CA ILE A 11 1.84 -4.00 11.49
C ILE A 11 1.21 -4.37 10.15
N ILE A 12 0.67 -5.58 10.07
CA ILE A 12 0.03 -6.06 8.85
C ILE A 12 -1.04 -5.08 8.37
N GLY A 13 -1.86 -4.61 9.30
CA GLY A 13 -2.91 -3.66 8.96
C GLY A 13 -2.40 -2.48 8.18
N VAL A 14 -1.54 -1.68 8.82
CA VAL A 14 -0.98 -0.50 8.18
C VAL A 14 -0.38 -0.85 6.81
N SER A 15 0.35 -1.96 6.76
CA SER A 15 0.98 -2.40 5.52
C SER A 15 -0.04 -2.44 4.38
N VAL A 16 -1.20 -3.04 4.65
CA VAL A 16 -2.25 -3.13 3.65
C VAL A 16 -2.77 -1.76 3.25
N LEU A 17 -2.99 -0.90 4.25
CA LEU A 17 -3.48 0.45 4.00
C LEU A 17 -2.54 1.22 3.08
N SER A 18 -1.24 1.00 3.26
CA SER A 18 -0.23 1.67 2.45
C SER A 18 -0.21 1.10 1.03
N VAL A 19 -0.50 -0.19 0.91
CA VAL A 19 -0.52 -0.87 -0.39
C VAL A 19 -1.62 -0.31 -1.27
N LEU A 20 -2.85 -0.33 -0.77
CA LEU A 20 -3.99 0.17 -1.51
C LEU A 20 -3.82 1.66 -1.84
N VAL A 21 -3.48 2.44 -0.83
CA VAL A 21 -3.28 3.88 -1.01
C VAL A 21 -2.36 4.16 -2.19
N VAL A 22 -1.16 3.59 -2.16
CA VAL A 22 -0.20 3.78 -3.23
C VAL A 22 -0.78 3.38 -4.58
N SER A 23 -1.31 2.17 -4.66
CA SER A 23 -1.90 1.67 -5.90
C SER A 23 -2.93 2.66 -6.43
N VAL A 24 -3.86 3.06 -5.58
CA VAL A 24 -4.91 4.00 -5.97
C VAL A 24 -4.32 5.23 -6.63
N VAL A 25 -3.38 5.87 -5.94
CA VAL A 25 -2.72 7.07 -6.45
C VAL A 25 -2.19 6.84 -7.87
N ALA A 26 -1.36 5.81 -8.02
CA ALA A 26 -0.79 5.48 -9.32
C ALA A 26 -1.87 5.37 -10.39
N VAL A 27 -3.05 4.91 -10.00
CA VAL A 27 -4.17 4.76 -10.92
C VAL A 27 -4.78 6.11 -11.25
N LEU A 28 -5.05 6.90 -10.23
CA LEU A 28 -5.64 8.23 -10.42
C LEU A 28 -4.85 9.04 -11.43
N VAL A 29 -3.53 9.01 -11.31
CA VAL A 29 -2.65 9.74 -12.21
C VAL A 29 -2.69 9.13 -13.61
N TYR A 30 -2.55 7.81 -13.69
CA TYR A 30 -2.56 7.11 -14.96
C TYR A 30 -3.76 7.55 -15.80
N LYS A 31 -4.89 7.78 -15.14
CA LYS A 31 -6.10 8.19 -15.83
C LYS A 31 -6.14 9.71 -16.00
N PHE A 32 -6.01 10.43 -14.89
CA PHE A 32 -6.03 11.89 -14.92
C PHE A 32 -5.05 12.43 -15.95
N TYR A 33 -4.04 11.62 -16.27
CA TYR A 33 -3.03 12.02 -17.24
C TYR A 33 -3.17 11.21 -18.53
N PHE A 34 -3.15 9.90 -18.41
CA PHE A 34 -3.29 9.02 -19.57
C PHE A 34 -4.64 8.31 -19.57
N HIS A 35 -5.71 9.07 -19.36
CA HIS A 35 -7.05 8.53 -19.34
C HIS A 35 -7.31 7.64 -20.55
N MET A 1 9.46 -7.26 12.37
CA MET A 1 8.32 -8.16 12.24
C MET A 1 8.59 -9.50 12.94
N ASN A 2 9.45 -10.30 12.32
CA ASN A 2 9.81 -11.61 12.88
C ASN A 2 11.31 -11.82 12.86
N ILE A 3 12.04 -10.86 13.42
CA ILE A 3 13.50 -10.94 13.48
C ILE A 3 13.95 -12.28 14.04
N THR A 4 13.50 -12.59 15.25
CA THR A 4 13.86 -13.85 15.90
C THR A 4 12.62 -14.69 16.18
N SER A 5 11.49 -14.03 16.38
CA SER A 5 10.24 -14.73 16.67
C SER A 5 9.05 -13.76 16.61
N GLN A 6 7.89 -14.23 17.04
CA GLN A 6 6.69 -13.41 17.03
C GLN A 6 6.46 -12.79 15.66
N MET A 7 5.51 -11.86 15.58
CA MET A 7 5.20 -11.19 14.33
C MET A 7 4.54 -9.84 14.58
N ASN A 8 4.29 -9.10 13.50
CA ASN A 8 3.66 -7.79 13.61
C ASN A 8 2.62 -7.59 12.52
N LYS A 9 1.35 -7.60 12.92
CA LYS A 9 0.25 -7.43 11.98
C LYS A 9 0.13 -5.97 11.56
N THR A 10 0.49 -5.06 12.46
CA THR A 10 0.42 -3.63 12.19
C THR A 10 1.22 -3.27 10.94
N ILE A 11 2.45 -3.75 10.88
CA ILE A 11 3.33 -3.48 9.74
C ILE A 11 2.66 -3.90 8.43
N ILE A 12 2.02 -5.06 8.45
CA ILE A 12 1.34 -5.57 7.26
C ILE A 12 0.23 -4.62 6.81
N GLY A 13 -0.59 -4.18 7.75
CA GLY A 13 -1.67 -3.28 7.44
C GLY A 13 -1.20 -2.07 6.65
N VAL A 14 -0.36 -1.25 7.27
CA VAL A 14 0.16 -0.06 6.61
C VAL A 14 0.74 -0.38 5.24
N SER A 15 1.48 -1.49 5.17
CA SER A 15 2.09 -1.91 3.91
C SER A 15 1.06 -1.96 2.79
N VAL A 16 -0.05 -2.65 3.04
CA VAL A 16 -1.11 -2.76 2.05
C VAL A 16 -1.69 -1.40 1.70
N LEU A 17 -1.87 -0.56 2.70
CA LEU A 17 -2.40 0.79 2.50
C LEU A 17 -1.56 1.56 1.49
N SER A 18 -0.29 1.74 1.81
CA SER A 18 0.62 2.47 0.94
C SER A 18 0.56 1.92 -0.48
N VAL A 19 0.53 0.60 -0.59
CA VAL A 19 0.48 -0.06 -1.89
C VAL A 19 -0.68 0.47 -2.73
N LEU A 20 -1.88 0.37 -2.19
CA LEU A 20 -3.09 0.84 -2.88
C LEU A 20 -3.03 2.36 -3.10
N VAL A 21 -2.50 3.06 -2.10
CA VAL A 21 -2.39 4.52 -2.18
C VAL A 21 -1.73 4.95 -3.50
N VAL A 22 -0.56 4.39 -3.77
CA VAL A 22 0.16 4.72 -4.99
C VAL A 22 -0.55 4.17 -6.22
N SER A 23 -0.80 2.86 -6.23
CA SER A 23 -1.48 2.22 -7.34
C SER A 23 -2.78 2.93 -7.68
N VAL A 24 -3.70 2.94 -6.72
CA VAL A 24 -4.99 3.59 -6.91
C VAL A 24 -4.81 5.01 -7.46
N VAL A 25 -4.15 5.86 -6.67
CA VAL A 25 -3.91 7.24 -7.08
C VAL A 25 -3.35 7.31 -8.49
N ALA A 26 -2.39 6.45 -8.79
CA ALA A 26 -1.78 6.41 -10.11
C ALA A 26 -2.84 6.28 -11.21
N VAL A 27 -3.80 5.39 -10.98
CA VAL A 27 -4.87 5.16 -11.95
C VAL A 27 -5.81 6.36 -12.01
N LEU A 28 -6.16 6.90 -10.85
CA LEU A 28 -7.05 8.05 -10.77
C LEU A 28 -6.58 9.17 -11.70
N VAL A 29 -5.33 9.59 -11.52
CA VAL A 29 -4.76 10.64 -12.35
C VAL A 29 -4.65 10.22 -13.80
N TYR A 30 -4.31 8.96 -14.02
CA TYR A 30 -4.16 8.42 -15.37
C TYR A 30 -5.41 8.70 -16.20
N LYS A 31 -6.58 8.50 -15.59
CA LYS A 31 -7.85 8.73 -16.27
C LYS A 31 -8.27 10.19 -16.13
N PHE A 32 -8.33 10.67 -14.89
CA PHE A 32 -8.73 12.05 -14.62
C PHE A 32 -7.92 13.02 -15.48
N TYR A 33 -6.75 12.59 -15.92
CA TYR A 33 -5.88 13.42 -16.74
C TYR A 33 -5.82 12.91 -18.17
N PHE A 34 -5.52 11.61 -18.32
CA PHE A 34 -5.43 10.99 -19.63
C PHE A 34 -6.54 9.95 -19.81
N HIS A 35 -7.78 10.35 -19.53
CA HIS A 35 -8.92 9.46 -19.66
C HIS A 35 -8.90 8.75 -21.02
N MET A 1 17.48 -16.32 25.51
CA MET A 1 16.17 -16.92 25.36
C MET A 1 15.50 -16.53 24.05
N ASN A 2 14.49 -17.28 23.65
CA ASN A 2 13.77 -17.01 22.41
C ASN A 2 13.30 -15.56 22.37
N ILE A 3 13.65 -14.86 21.30
CA ILE A 3 13.25 -13.47 21.13
C ILE A 3 12.00 -13.35 20.28
N THR A 4 11.13 -14.35 20.37
CA THR A 4 9.89 -14.36 19.61
C THR A 4 10.11 -13.81 18.21
N SER A 5 11.21 -14.19 17.59
CA SER A 5 11.53 -13.72 16.25
C SER A 5 10.41 -14.05 15.27
N GLN A 6 9.66 -13.03 14.88
CA GLN A 6 8.54 -13.21 13.95
C GLN A 6 8.52 -12.09 12.90
N MET A 7 7.48 -12.08 12.08
CA MET A 7 7.34 -11.07 11.04
C MET A 7 6.45 -9.93 11.51
N ASN A 8 6.62 -8.76 10.89
CA ASN A 8 5.83 -7.58 11.24
C ASN A 8 4.64 -7.42 10.31
N LYS A 9 3.45 -7.60 10.85
CA LYS A 9 2.22 -7.47 10.06
C LYS A 9 1.87 -6.00 9.84
N THR A 10 2.20 -5.16 10.83
CA THR A 10 1.92 -3.74 10.74
C THR A 10 2.52 -3.14 9.48
N ILE A 11 3.80 -3.42 9.23
CA ILE A 11 4.49 -2.91 8.06
C ILE A 11 3.77 -3.32 6.77
N ILE A 12 3.36 -4.58 6.72
CA ILE A 12 2.66 -5.10 5.55
C ILE A 12 1.37 -4.32 5.29
N GLY A 13 0.61 -4.10 6.36
CA GLY A 13 -0.64 -3.37 6.24
C GLY A 13 -0.48 -2.05 5.50
N VAL A 14 0.29 -1.14 6.10
CA VAL A 14 0.53 0.17 5.50
C VAL A 14 0.98 0.03 4.05
N SER A 15 1.89 -0.91 3.81
CA SER A 15 2.42 -1.14 2.46
C SER A 15 1.28 -1.30 1.46
N VAL A 16 0.31 -2.15 1.81
CA VAL A 16 -0.84 -2.39 0.93
C VAL A 16 -1.66 -1.12 0.73
N LEU A 17 -1.89 -0.39 1.83
CA LEU A 17 -2.66 0.85 1.78
C LEU A 17 -2.00 1.85 0.83
N SER A 18 -0.68 1.89 0.82
CA SER A 18 0.07 2.81 -0.02
C SER A 18 0.01 2.35 -1.49
N VAL A 19 -0.07 1.04 -1.69
CA VAL A 19 -0.12 0.48 -3.02
C VAL A 19 -1.42 0.85 -3.73
N LEU A 20 -2.54 0.57 -3.08
CA LEU A 20 -3.86 0.88 -3.64
C LEU A 20 -4.02 2.39 -3.83
N VAL A 21 -3.72 3.15 -2.79
CA VAL A 21 -3.83 4.60 -2.85
C VAL A 21 -3.14 5.15 -4.10
N VAL A 22 -1.84 4.91 -4.21
CA VAL A 22 -1.06 5.38 -5.36
C VAL A 22 -1.73 4.98 -6.67
N SER A 23 -2.02 3.69 -6.82
CA SER A 23 -2.65 3.18 -8.03
C SER A 23 -3.91 3.97 -8.35
N VAL A 24 -4.79 4.11 -7.37
CA VAL A 24 -6.04 4.83 -7.54
C VAL A 24 -5.78 6.22 -8.13
N VAL A 25 -4.90 6.98 -7.48
CA VAL A 25 -4.56 8.32 -7.93
C VAL A 25 -4.20 8.33 -9.42
N ALA A 26 -3.24 7.48 -9.78
CA ALA A 26 -2.81 7.39 -11.18
C ALA A 26 -4.00 7.21 -12.11
N VAL A 27 -4.95 6.38 -11.70
CA VAL A 27 -6.14 6.12 -12.51
C VAL A 27 -7.06 7.33 -12.54
N LEU A 28 -7.26 7.94 -11.37
CA LEU A 28 -8.12 9.11 -11.25
C LEU A 28 -7.73 10.17 -12.29
N VAL A 29 -6.46 10.54 -12.29
CA VAL A 29 -5.95 11.54 -13.23
C VAL A 29 -6.04 11.04 -14.67
N TYR A 30 -5.75 9.76 -14.87
CA TYR A 30 -5.79 9.16 -16.19
C TYR A 30 -7.13 9.44 -16.87
N LYS A 31 -8.21 9.31 -16.11
CA LYS A 31 -9.55 9.55 -16.62
C LYS A 31 -9.92 11.02 -16.52
N PHE A 32 -9.80 11.58 -15.32
CA PHE A 32 -10.12 12.98 -15.09
C PHE A 32 -9.40 13.88 -16.09
N TYR A 33 -8.31 13.37 -16.64
CA TYR A 33 -7.52 14.13 -17.61
C TYR A 33 -7.66 13.53 -19.01
N PHE A 34 -7.37 12.24 -19.12
CA PHE A 34 -7.46 11.54 -20.40
C PHE A 34 -8.63 10.56 -20.39
N HIS A 35 -9.79 11.02 -19.96
CA HIS A 35 -10.98 10.18 -19.92
C HIS A 35 -11.19 9.45 -21.24
N MET A 1 9.49 -4.78 7.43
CA MET A 1 10.90 -5.17 7.42
C MET A 1 11.16 -6.29 8.41
N ASN A 2 10.15 -7.12 8.64
CA ASN A 2 10.27 -8.24 9.58
C ASN A 2 10.98 -9.42 8.92
N ILE A 3 12.22 -9.19 8.48
CA ILE A 3 13.00 -10.24 7.84
C ILE A 3 13.02 -11.51 8.68
N THR A 4 13.47 -11.39 9.92
CA THR A 4 13.53 -12.53 10.82
C THR A 4 12.64 -12.31 12.03
N SER A 5 12.33 -11.06 12.33
CA SER A 5 11.48 -10.73 13.47
C SER A 5 10.07 -11.26 13.26
N GLN A 6 9.30 -11.34 14.35
CA GLN A 6 7.92 -11.83 14.28
C GLN A 6 6.98 -10.74 13.78
N MET A 7 5.77 -11.14 13.42
CA MET A 7 4.76 -10.20 12.93
C MET A 7 3.66 -9.99 13.94
N ASN A 8 2.85 -8.96 13.74
CA ASN A 8 1.75 -8.65 14.65
C ASN A 8 0.53 -8.15 13.88
N LYS A 9 -0.63 -8.17 14.52
CA LYS A 9 -1.86 -7.71 13.90
C LYS A 9 -1.73 -6.27 13.43
N THR A 10 -1.06 -5.44 14.23
CA THR A 10 -0.86 -4.04 13.89
C THR A 10 -0.17 -3.90 12.54
N ILE A 11 0.75 -4.81 12.25
CA ILE A 11 1.48 -4.78 10.99
C ILE A 11 0.54 -4.90 9.80
N ILE A 12 -0.49 -5.73 9.95
CA ILE A 12 -1.47 -5.93 8.89
C ILE A 12 -2.14 -4.62 8.52
N GLY A 13 -2.58 -3.87 9.53
CA GLY A 13 -3.24 -2.60 9.27
C GLY A 13 -2.44 -1.70 8.36
N VAL A 14 -1.25 -1.29 8.81
CA VAL A 14 -0.40 -0.42 8.03
C VAL A 14 -0.19 -0.97 6.62
N SER A 15 0.05 -2.28 6.53
CA SER A 15 0.27 -2.93 5.24
C SER A 15 -0.85 -2.58 4.27
N VAL A 16 -2.10 -2.68 4.73
CA VAL A 16 -3.25 -2.38 3.89
C VAL A 16 -3.26 -0.90 3.48
N LEU A 17 -3.01 -0.03 4.45
CA LEU A 17 -2.98 1.40 4.21
C LEU A 17 -2.08 1.74 3.03
N SER A 18 -0.84 1.25 3.07
CA SER A 18 0.12 1.49 2.00
C SER A 18 -0.40 0.95 0.68
N VAL A 19 -0.98 -0.25 0.71
CA VAL A 19 -1.52 -0.87 -0.50
C VAL A 19 -2.48 0.07 -1.22
N LEU A 20 -3.57 0.44 -0.54
CA LEU A 20 -4.56 1.34 -1.11
C LEU A 20 -3.91 2.59 -1.68
N VAL A 21 -2.97 3.16 -0.91
CA VAL A 21 -2.27 4.36 -1.33
C VAL A 21 -1.68 4.19 -2.72
N VAL A 22 -0.72 3.28 -2.84
CA VAL A 22 -0.07 3.02 -4.13
C VAL A 22 -1.09 2.74 -5.22
N SER A 23 -1.99 1.80 -4.95
CA SER A 23 -3.03 1.44 -5.91
C SER A 23 -3.76 2.67 -6.41
N VAL A 24 -4.40 3.39 -5.50
CA VAL A 24 -5.15 4.60 -5.84
C VAL A 24 -4.28 5.56 -6.65
N VAL A 25 -3.11 5.89 -6.12
CA VAL A 25 -2.19 6.79 -6.80
C VAL A 25 -1.95 6.35 -8.24
N ALA A 26 -1.57 5.10 -8.41
CA ALA A 26 -1.30 4.55 -9.74
C ALA A 26 -2.47 4.83 -10.69
N VAL A 27 -3.69 4.64 -10.19
CA VAL A 27 -4.89 4.87 -10.98
C VAL A 27 -5.09 6.36 -11.26
N LEU A 28 -4.90 7.18 -10.21
CA LEU A 28 -5.07 8.62 -10.34
C LEU A 28 -4.27 9.16 -11.53
N VAL A 29 -2.98 8.85 -11.55
CA VAL A 29 -2.10 9.30 -12.63
C VAL A 29 -2.50 8.67 -13.95
N TYR A 30 -2.88 7.41 -13.91
CA TYR A 30 -3.28 6.68 -15.11
C TYR A 30 -4.35 7.45 -15.88
N LYS A 31 -5.31 8.01 -15.15
CA LYS A 31 -6.39 8.78 -15.76
C LYS A 31 -5.98 10.24 -15.92
N PHE A 32 -5.56 10.86 -14.83
CA PHE A 32 -5.16 12.25 -14.84
C PHE A 32 -4.14 12.51 -15.95
N TYR A 33 -3.44 11.45 -16.37
CA TYR A 33 -2.45 11.56 -17.42
C TYR A 33 -2.93 10.88 -18.70
N PHE A 34 -3.34 9.63 -18.58
CA PHE A 34 -3.82 8.87 -19.73
C PHE A 34 -5.30 8.56 -19.59
N HIS A 35 -6.10 9.59 -19.30
CA HIS A 35 -7.54 9.44 -19.15
C HIS A 35 -8.13 8.63 -20.31
N MET A 1 14.09 -12.58 4.01
CA MET A 1 13.70 -13.61 4.97
C MET A 1 13.02 -12.99 6.18
N ASN A 2 12.56 -13.84 7.09
CA ASN A 2 11.89 -13.39 8.30
C ASN A 2 12.91 -12.95 9.36
N ILE A 3 12.83 -11.69 9.75
CA ILE A 3 13.75 -11.15 10.76
C ILE A 3 13.13 -11.20 12.15
N THR A 4 12.31 -12.23 12.39
CA THR A 4 11.66 -12.40 13.69
C THR A 4 11.21 -11.06 14.25
N SER A 5 10.66 -10.21 13.39
CA SER A 5 10.18 -8.91 13.80
C SER A 5 9.22 -9.02 14.98
N GLN A 6 9.33 -8.09 15.92
CA GLN A 6 8.47 -8.09 17.10
C GLN A 6 7.32 -7.09 16.92
N MET A 7 6.82 -6.99 15.69
CA MET A 7 5.72 -6.07 15.40
C MET A 7 4.38 -6.82 15.34
N ASN A 8 3.30 -6.09 15.51
CA ASN A 8 1.96 -6.69 15.47
C ASN A 8 1.49 -6.87 14.04
N LYS A 9 0.96 -8.06 13.74
CA LYS A 9 0.47 -8.37 12.41
C LYS A 9 -0.61 -7.37 11.98
N THR A 10 -1.31 -6.82 12.97
CA THR A 10 -2.36 -5.85 12.69
C THR A 10 -1.83 -4.65 11.93
N ILE A 11 -0.77 -4.03 12.45
CA ILE A 11 -0.16 -2.87 11.81
C ILE A 11 0.21 -3.18 10.36
N ILE A 12 0.84 -4.34 10.15
CA ILE A 12 1.24 -4.74 8.80
C ILE A 12 0.07 -4.71 7.84
N GLY A 13 -1.07 -5.26 8.28
CA GLY A 13 -2.25 -5.27 7.43
C GLY A 13 -2.60 -3.91 6.89
N VAL A 14 -2.93 -2.99 7.78
CA VAL A 14 -3.28 -1.63 7.38
C VAL A 14 -2.23 -1.03 6.46
N SER A 15 -0.96 -1.24 6.81
CA SER A 15 0.15 -0.71 6.01
C SER A 15 -0.01 -1.11 4.55
N VAL A 16 -0.30 -2.38 4.30
CA VAL A 16 -0.48 -2.87 2.94
C VAL A 16 -1.67 -2.22 2.27
N LEU A 17 -2.77 -2.11 3.01
CA LEU A 17 -3.99 -1.51 2.48
C LEU A 17 -3.73 -0.07 2.04
N SER A 18 -2.89 0.64 2.79
CA SER A 18 -2.56 2.02 2.48
C SER A 18 -1.63 2.11 1.27
N VAL A 19 -0.80 1.09 1.11
CA VAL A 19 0.14 1.03 -0.01
C VAL A 19 -0.59 0.90 -1.34
N LEU A 20 -1.45 -0.11 -1.43
CA LEU A 20 -2.22 -0.35 -2.65
C LEU A 20 -3.14 0.83 -2.96
N VAL A 21 -3.90 1.26 -1.96
CA VAL A 21 -4.81 2.38 -2.12
C VAL A 21 -4.12 3.57 -2.77
N VAL A 22 -3.08 4.07 -2.11
CA VAL A 22 -2.32 5.21 -2.63
C VAL A 22 -1.89 4.98 -4.07
N SER A 23 -1.23 3.84 -4.31
CA SER A 23 -0.76 3.50 -5.64
C SER A 23 -1.90 3.60 -6.66
N VAL A 24 -3.02 2.97 -6.33
CA VAL A 24 -4.18 2.98 -7.22
C VAL A 24 -4.57 4.40 -7.61
N VAL A 25 -4.75 5.25 -6.60
CA VAL A 25 -5.12 6.65 -6.83
C VAL A 25 -4.17 7.30 -7.84
N ALA A 26 -2.87 7.22 -7.57
CA ALA A 26 -1.87 7.79 -8.46
C ALA A 26 -2.09 7.36 -9.90
N VAL A 27 -2.40 6.08 -10.08
CA VAL A 27 -2.64 5.52 -11.41
C VAL A 27 -3.94 6.04 -12.00
N LEU A 28 -4.99 6.06 -11.18
CA LEU A 28 -6.30 6.53 -11.62
C LEU A 28 -6.19 7.90 -12.28
N VAL A 29 -5.58 8.85 -11.57
CA VAL A 29 -5.41 10.21 -12.09
C VAL A 29 -4.49 10.21 -13.30
N TYR A 30 -3.44 9.40 -13.24
CA TYR A 30 -2.48 9.31 -14.34
C TYR A 30 -3.19 9.08 -15.67
N LYS A 31 -4.17 8.19 -15.65
CA LYS A 31 -4.93 7.87 -16.86
C LYS A 31 -6.11 8.82 -17.03
N PHE A 32 -6.93 8.94 -16.00
CA PHE A 32 -8.09 9.82 -16.04
C PHE A 32 -7.68 11.23 -16.48
N TYR A 33 -6.41 11.57 -16.29
CA TYR A 33 -5.90 12.87 -16.67
C TYR A 33 -4.97 12.77 -17.87
N PHE A 34 -3.97 11.89 -17.77
CA PHE A 34 -3.02 11.69 -18.85
C PHE A 34 -3.16 10.30 -19.45
N HIS A 35 -4.39 9.95 -19.81
CA HIS A 35 -4.67 8.65 -20.40
C HIS A 35 -3.69 8.34 -21.53
N MET A 1 15.07 -7.19 6.74
CA MET A 1 14.71 -8.49 6.17
C MET A 1 14.00 -9.36 7.20
N ASN A 2 14.69 -9.64 8.30
CA ASN A 2 14.12 -10.47 9.37
C ASN A 2 14.35 -9.83 10.74
N ILE A 3 13.28 -9.66 11.49
CA ILE A 3 13.36 -9.06 12.82
C ILE A 3 13.38 -10.13 13.90
N THR A 4 13.95 -11.29 13.58
CA THR A 4 14.03 -12.40 14.52
C THR A 4 12.75 -12.51 15.35
N SER A 5 11.61 -12.34 14.70
CA SER A 5 10.32 -12.41 15.37
C SER A 5 9.20 -12.63 14.37
N GLN A 6 7.96 -12.62 14.86
CA GLN A 6 6.79 -12.81 14.02
C GLN A 6 6.19 -11.48 13.61
N MET A 7 5.09 -11.53 12.86
CA MET A 7 4.41 -10.33 12.40
C MET A 7 3.25 -9.97 13.32
N ASN A 8 3.00 -8.68 13.48
CA ASN A 8 1.93 -8.20 14.34
C ASN A 8 0.66 -7.92 13.52
N LYS A 9 -0.43 -7.60 14.21
CA LYS A 9 -1.68 -7.30 13.55
C LYS A 9 -1.67 -5.90 12.95
N THR A 10 -1.23 -4.93 13.73
CA THR A 10 -1.17 -3.55 13.29
C THR A 10 -0.35 -3.42 12.00
N ILE A 11 0.73 -4.18 11.92
CA ILE A 11 1.60 -4.16 10.75
C ILE A 11 0.81 -4.47 9.49
N ILE A 12 -0.01 -5.52 9.55
CA ILE A 12 -0.82 -5.93 8.41
C ILE A 12 -1.77 -4.81 7.98
N GLY A 13 -2.45 -4.22 8.97
CA GLY A 13 -3.38 -3.14 8.67
C GLY A 13 -2.76 -2.05 7.82
N VAL A 14 -1.76 -1.37 8.37
CA VAL A 14 -1.08 -0.29 7.65
C VAL A 14 -0.64 -0.75 6.26
N SER A 15 -0.09 -1.96 6.19
CA SER A 15 0.36 -2.51 4.92
C SER A 15 -0.73 -2.41 3.86
N VAL A 16 -1.93 -2.84 4.22
CA VAL A 16 -3.07 -2.81 3.30
C VAL A 16 -3.42 -1.37 2.91
N LEU A 17 -3.42 -0.48 3.90
CA LEU A 17 -3.74 0.92 3.67
C LEU A 17 -2.75 1.54 2.67
N SER A 18 -1.50 1.13 2.76
CA SER A 18 -0.46 1.65 1.86
C SER A 18 -0.62 1.07 0.46
N VAL A 19 -1.12 -0.17 0.39
CA VAL A 19 -1.32 -0.84 -0.88
C VAL A 19 -2.40 -0.15 -1.71
N LEU A 20 -3.57 0.04 -1.12
CA LEU A 20 -4.69 0.69 -1.79
C LEU A 20 -4.33 2.13 -2.16
N VAL A 21 -3.82 2.87 -1.19
CA VAL A 21 -3.44 4.26 -1.40
C VAL A 21 -2.57 4.40 -2.65
N VAL A 22 -1.41 3.75 -2.63
CA VAL A 22 -0.48 3.80 -3.75
C VAL A 22 -1.20 3.46 -5.06
N SER A 23 -1.89 2.33 -5.08
CA SER A 23 -2.61 1.90 -6.26
C SER A 23 -3.54 3.00 -6.78
N VAL A 24 -4.35 3.55 -5.88
CA VAL A 24 -5.27 4.62 -6.24
C VAL A 24 -4.56 5.75 -6.96
N VAL A 25 -3.50 6.26 -6.35
CA VAL A 25 -2.72 7.34 -6.94
C VAL A 25 -2.32 7.03 -8.37
N ALA A 26 -1.69 5.88 -8.56
CA ALA A 26 -1.25 5.45 -9.88
C ALA A 26 -2.40 5.52 -10.89
N VAL A 27 -3.59 5.15 -10.44
CA VAL A 27 -4.77 5.18 -11.29
C VAL A 27 -5.23 6.60 -11.55
N LEU A 28 -5.32 7.39 -10.49
CA LEU A 28 -5.74 8.78 -10.61
C LEU A 28 -4.97 9.50 -11.71
N VAL A 29 -3.65 9.38 -11.68
CA VAL A 29 -2.79 10.02 -12.68
C VAL A 29 -3.00 9.38 -14.05
N TYR A 30 -3.07 8.06 -14.09
CA TYR A 30 -3.27 7.34 -15.34
C TYR A 30 -4.43 7.93 -16.14
N LYS A 31 -5.50 8.28 -15.44
CA LYS A 31 -6.67 8.86 -16.08
C LYS A 31 -6.53 10.38 -16.21
N PHE A 32 -6.23 11.03 -15.09
CA PHE A 32 -6.06 12.48 -15.08
C PHE A 32 -5.11 12.93 -16.18
N TYR A 33 -4.24 12.03 -16.61
CA TYR A 33 -3.27 12.33 -17.65
C TYR A 33 -3.59 11.57 -18.93
N PHE A 34 -3.72 10.25 -18.81
CA PHE A 34 -4.03 9.41 -19.96
C PHE A 34 -5.46 8.88 -19.88
N HIS A 35 -6.40 9.78 -19.59
CA HIS A 35 -7.80 9.40 -19.48
C HIS A 35 -8.24 8.57 -20.68
N MET A 1 11.81 -6.09 7.95
CA MET A 1 11.68 -7.49 7.57
C MET A 1 11.61 -8.39 8.81
N ASN A 2 10.75 -9.39 8.74
CA ASN A 2 10.58 -10.32 9.86
C ASN A 2 10.67 -11.77 9.38
N ILE A 3 11.81 -12.12 8.81
CA ILE A 3 12.04 -13.48 8.31
C ILE A 3 11.69 -14.52 9.37
N THR A 4 12.33 -14.41 10.52
CA THR A 4 12.10 -15.34 11.62
C THR A 4 11.55 -14.61 12.84
N SER A 5 11.80 -13.31 12.92
CA SER A 5 11.32 -12.51 14.04
C SER A 5 9.83 -12.24 13.92
N GLN A 6 9.23 -11.74 14.99
CA GLN A 6 7.81 -11.44 15.01
C GLN A 6 7.55 -9.95 15.23
N MET A 7 6.42 -9.47 14.75
CA MET A 7 6.06 -8.06 14.88
C MET A 7 4.55 -7.88 14.93
N ASN A 8 4.11 -6.71 15.38
CA ASN A 8 2.69 -6.41 15.46
C ASN A 8 2.03 -6.49 14.08
N LYS A 9 1.23 -7.54 13.87
CA LYS A 9 0.54 -7.73 12.60
C LYS A 9 -0.38 -6.55 12.30
N THR A 10 -0.83 -5.86 13.35
CA THR A 10 -1.70 -4.71 13.19
C THR A 10 -1.07 -3.65 12.30
N ILE A 11 0.12 -3.20 12.67
CA ILE A 11 0.84 -2.19 11.90
C ILE A 11 0.98 -2.62 10.44
N ILE A 12 1.29 -3.90 10.23
CA ILE A 12 1.46 -4.43 8.88
C ILE A 12 0.19 -4.24 8.06
N GLY A 13 -0.94 -4.62 8.63
CA GLY A 13 -2.21 -4.47 7.93
C GLY A 13 -2.42 -3.08 7.38
N VAL A 14 -2.51 -2.10 8.29
CA VAL A 14 -2.72 -0.72 7.89
C VAL A 14 -1.71 -0.29 6.83
N SER A 15 -0.45 -0.66 7.04
CA SER A 15 0.62 -0.31 6.10
C SER A 15 0.23 -0.69 4.68
N VAL A 16 -0.26 -1.92 4.52
CA VAL A 16 -0.66 -2.42 3.21
C VAL A 16 -1.83 -1.60 2.64
N LEU A 17 -2.82 -1.36 3.49
CA LEU A 17 -4.00 -0.59 3.08
C LEU A 17 -3.58 0.73 2.43
N SER A 18 -2.73 1.49 3.13
CA SER A 18 -2.26 2.77 2.62
C SER A 18 -1.54 2.59 1.28
N VAL A 19 -0.71 1.55 1.20
CA VAL A 19 0.04 1.28 -0.02
C VAL A 19 -0.88 1.19 -1.22
N LEU A 20 -1.80 0.23 -1.19
CA LEU A 20 -2.75 0.04 -2.29
C LEU A 20 -3.44 1.35 -2.64
N VAL A 21 -3.85 2.10 -1.61
CA VAL A 21 -4.53 3.36 -1.80
C VAL A 21 -3.73 4.28 -2.72
N VAL A 22 -2.54 4.68 -2.25
CA VAL A 22 -1.67 5.55 -3.02
C VAL A 22 -1.44 5.01 -4.43
N SER A 23 -1.02 3.74 -4.50
CA SER A 23 -0.76 3.10 -5.78
C SER A 23 -1.96 3.26 -6.72
N VAL A 24 -3.10 2.73 -6.31
CA VAL A 24 -4.31 2.81 -7.11
C VAL A 24 -4.60 4.26 -7.52
N VAL A 25 -4.66 5.14 -6.54
CA VAL A 25 -4.92 6.55 -6.80
C VAL A 25 -3.99 7.10 -7.88
N ALA A 26 -2.70 6.92 -7.67
CA ALA A 26 -1.70 7.39 -8.63
C ALA A 26 -2.03 6.91 -10.04
N VAL A 27 -2.51 5.68 -10.15
CA VAL A 27 -2.86 5.11 -11.45
C VAL A 27 -4.14 5.74 -11.99
N LEU A 28 -5.16 5.83 -11.14
CA LEU A 28 -6.44 6.41 -11.54
C LEU A 28 -6.23 7.76 -12.23
N VAL A 29 -5.45 8.63 -11.59
CA VAL A 29 -5.18 9.95 -12.14
C VAL A 29 -4.34 9.85 -13.41
N TYR A 30 -3.33 9.00 -13.38
CA TYR A 30 -2.45 8.81 -14.53
C TYR A 30 -3.26 8.60 -15.80
N LYS A 31 -4.32 7.81 -15.69
CA LYS A 31 -5.18 7.51 -16.83
C LYS A 31 -6.26 8.59 -16.99
N PHE A 32 -6.98 8.86 -15.91
CA PHE A 32 -8.04 9.86 -15.92
C PHE A 32 -7.54 11.18 -16.51
N TYR A 33 -6.23 11.39 -16.43
CA TYR A 33 -5.62 12.61 -16.95
C TYR A 33 -4.77 12.31 -18.18
N PHE A 34 -3.84 11.38 -18.04
CA PHE A 34 -2.96 11.00 -19.14
C PHE A 34 -3.32 9.61 -19.67
N HIS A 35 -4.60 9.39 -19.90
CA HIS A 35 -5.09 8.11 -20.40
C HIS A 35 -4.27 7.67 -21.61
N MET A 1 17.02 -10.94 9.74
CA MET A 1 16.57 -9.72 10.41
C MET A 1 15.11 -9.43 10.10
N ASN A 2 14.31 -9.27 11.15
CA ASN A 2 12.90 -8.99 10.99
C ASN A 2 12.66 -7.52 10.67
N ILE A 3 13.24 -7.06 9.55
CA ILE A 3 13.10 -5.68 9.13
C ILE A 3 11.64 -5.25 9.12
N THR A 4 10.82 -5.98 8.37
CA THR A 4 9.40 -5.67 8.28
C THR A 4 8.54 -6.83 8.82
N SER A 5 9.13 -8.02 8.83
CA SER A 5 8.43 -9.20 9.31
C SER A 5 7.95 -9.00 10.74
N GLN A 6 6.63 -8.99 10.93
CA GLN A 6 6.04 -8.80 12.25
C GLN A 6 4.89 -9.78 12.47
N MET A 7 4.58 -10.05 13.74
CA MET A 7 3.51 -10.96 14.09
C MET A 7 2.41 -10.24 14.88
N ASN A 8 2.73 -9.03 15.34
CA ASN A 8 1.77 -8.25 16.12
C ASN A 8 0.68 -7.68 15.21
N LYS A 9 -0.20 -6.88 15.78
CA LYS A 9 -1.30 -6.27 15.02
C LYS A 9 -0.75 -5.40 13.90
N THR A 10 0.50 -5.00 14.02
CA THR A 10 1.14 -4.15 13.01
C THR A 10 0.94 -4.72 11.61
N ILE A 11 0.84 -6.05 11.53
CA ILE A 11 0.64 -6.72 10.24
C ILE A 11 -0.52 -6.11 9.48
N ILE A 12 -1.68 -6.07 10.12
CA ILE A 12 -2.89 -5.51 9.50
C ILE A 12 -2.61 -4.11 8.97
N GLY A 13 -1.96 -3.28 9.79
CA GLY A 13 -1.65 -1.93 9.38
C GLY A 13 -0.97 -1.86 8.02
N VAL A 14 0.23 -2.43 7.94
CA VAL A 14 0.98 -2.43 6.69
C VAL A 14 0.13 -2.94 5.54
N SER A 15 -0.63 -4.01 5.78
CA SER A 15 -1.49 -4.59 4.77
C SER A 15 -2.36 -3.53 4.12
N VAL A 16 -3.06 -2.76 4.95
CA VAL A 16 -3.94 -1.70 4.45
C VAL A 16 -3.15 -0.66 3.67
N LEU A 17 -1.98 -0.31 4.17
CA LEU A 17 -1.12 0.68 3.51
C LEU A 17 -0.82 0.26 2.07
N SER A 18 -0.20 -0.90 1.91
CA SER A 18 0.15 -1.41 0.59
C SER A 18 -1.07 -1.39 -0.33
N VAL A 19 -2.21 -1.81 0.21
CA VAL A 19 -3.45 -1.84 -0.57
C VAL A 19 -3.74 -0.50 -1.20
N LEU A 20 -3.82 0.54 -0.38
CA LEU A 20 -4.09 1.89 -0.87
C LEU A 20 -2.96 2.38 -1.77
N VAL A 21 -1.73 2.03 -1.42
CA VAL A 21 -0.57 2.43 -2.19
C VAL A 21 -0.77 2.10 -3.67
N VAL A 22 -1.09 0.84 -3.96
CA VAL A 22 -1.30 0.40 -5.33
C VAL A 22 -2.56 1.02 -5.92
N SER A 23 -3.69 0.80 -5.24
CA SER A 23 -4.97 1.33 -5.69
C SER A 23 -4.87 2.83 -5.96
N VAL A 24 -4.58 3.59 -4.92
CA VAL A 24 -4.46 5.04 -5.04
C VAL A 24 -3.55 5.42 -6.21
N VAL A 25 -2.28 5.01 -6.12
CA VAL A 25 -1.32 5.31 -7.18
C VAL A 25 -1.88 4.96 -8.55
N ALA A 26 -2.51 3.79 -8.64
CA ALA A 26 -3.09 3.34 -9.90
C ALA A 26 -4.03 4.39 -10.48
N VAL A 27 -4.87 4.96 -9.63
CA VAL A 27 -5.82 5.99 -10.06
C VAL A 27 -5.11 7.28 -10.42
N LEU A 28 -4.14 7.66 -9.60
CA LEU A 28 -3.37 8.88 -9.84
C LEU A 28 -2.83 8.93 -11.27
N VAL A 29 -2.10 7.89 -11.65
CA VAL A 29 -1.54 7.80 -13.00
C VAL A 29 -2.64 7.71 -14.05
N TYR A 30 -3.70 6.96 -13.73
CA TYR A 30 -4.81 6.79 -14.64
C TYR A 30 -5.31 8.13 -15.15
N LYS A 31 -5.44 9.09 -14.23
CA LYS A 31 -5.91 10.42 -14.59
C LYS A 31 -4.76 11.31 -15.04
N PHE A 32 -3.73 11.40 -14.21
CA PHE A 32 -2.56 12.22 -14.51
C PHE A 32 -2.03 11.89 -15.91
N TYR A 33 -2.33 10.69 -16.39
CA TYR A 33 -1.88 10.25 -17.70
C TYR A 33 -3.05 10.17 -18.68
N PHE A 34 -4.10 9.47 -18.27
CA PHE A 34 -5.28 9.32 -19.11
C PHE A 34 -6.50 10.01 -18.48
N HIS A 35 -6.32 11.26 -18.10
CA HIS A 35 -7.39 12.03 -17.48
C HIS A 35 -8.69 11.92 -18.29
#